data_4MUI
#
_entry.id   4MUI
#
_cell.length_a   48.970
_cell.length_b   70.690
_cell.length_c   81.690
_cell.angle_alpha   90.00
_cell.angle_beta   99.91
_cell.angle_gamma   90.00
#
_symmetry.space_group_name_H-M   'P 1 21 1'
#
loop_
_entity.id
_entity.type
_entity.pdbx_description
1 polymer 'Pantothenate synthetase'
2 non-polymer ETHANOL
3 non-polymer '(5-methoxy-2-{[(4-methoxyphenyl)sulfonyl]carbamoyl}-1H-indol-1-yl)acetic acid'
4 non-polymer 1,2-ETHANEDIOL
5 water water
#
_entity_poly.entity_id   1
_entity_poly.type   'polypeptide(L)'
_entity_poly.pdbx_seq_one_letter_code
;MAIPAFHPGELNVYSAPGDVADVSRALRLTGRRVMLVPTMGALHEGHLALVRAAKRVPGSVVVVSIFVNPMQFGAGGDLD
AYPRTPDDDLAQLRAEGVEIAFTPTTAAMYPDGLRTTVQPGPLAAELEGGPRPTHFAGVLTVVLKLLQIVRPDRVFFGEK
DYQQLVLIRQLVADFNLDVAVVGVPTVREADGLAMSSRNRYLDPAQRAAAVALSAALTAAAHAATAGAQAALDAARAVLD
AAPGVAVDYLELRDIGLGPMPLNGSGRLLVAARLGTTRLLDNIAIEIGTFAGTDRPDGYR
;
_entity_poly.pdbx_strand_id   A,B
#
loop_
_chem_comp.id
_chem_comp.type
_chem_comp.name
_chem_comp.formula
2DQ non-polymer '(5-methoxy-2-{[(4-methoxyphenyl)sulfonyl]carbamoyl}-1H-indol-1-yl)acetic acid' 'C19 H18 N2 O7 S'
EDO non-polymer 1,2-ETHANEDIOL 'C2 H6 O2'
EOH non-polymer ETHANOL 'C2 H6 O'
#
# COMPACT_ATOMS: atom_id res chain seq x y z
N ILE A 3 18.17 6.41 -17.84
CA ILE A 3 17.22 7.44 -17.33
C ILE A 3 17.00 8.57 -18.36
N PRO A 4 15.78 9.18 -18.39
CA PRO A 4 15.46 10.17 -19.42
C PRO A 4 16.28 11.46 -19.32
N ALA A 5 16.10 12.37 -20.27
CA ALA A 5 16.62 13.71 -20.06
C ALA A 5 15.96 14.37 -18.83
N PHE A 6 16.81 14.91 -17.95
CA PHE A 6 16.38 15.93 -16.99
C PHE A 6 17.16 17.22 -17.27
N HIS A 7 16.44 18.31 -17.53
CA HIS A 7 17.09 19.63 -17.67
C HIS A 7 16.91 20.44 -16.38
N PRO A 8 17.99 20.63 -15.59
CA PRO A 8 17.84 21.39 -14.35
C PRO A 8 17.36 22.83 -14.59
N GLY A 9 16.65 23.39 -13.61
CA GLY A 9 16.15 24.77 -13.71
C GLY A 9 15.06 24.96 -14.76
N GLU A 10 14.75 23.87 -15.46
CA GLU A 10 13.65 23.82 -16.42
C GLU A 10 12.46 22.94 -15.94
N LEU A 11 11.28 23.15 -16.53
CA LEU A 11 10.16 22.25 -16.28
C LEU A 11 10.23 21.03 -17.20
N ASN A 12 10.47 19.90 -16.58
CA ASN A 12 10.51 18.60 -17.25
C ASN A 12 9.19 17.87 -17.02
N VAL A 13 8.51 17.52 -18.11
CA VAL A 13 7.21 16.84 -18.03
C VAL A 13 7.40 15.36 -18.37
N TYR A 14 7.00 14.47 -17.47
CA TYR A 14 7.06 13.00 -17.70
C TYR A 14 5.68 12.36 -17.58
N SER A 15 5.36 11.49 -18.52
CA SER A 15 4.10 10.75 -18.56
C SER A 15 4.26 9.35 -18.01
N ALA A 16 5.37 8.69 -18.35
CA ALA A 16 5.60 7.33 -17.91
C ALA A 16 6.07 7.24 -16.44
N PRO A 17 5.41 6.40 -15.63
CA PRO A 17 5.89 6.20 -14.27
C PRO A 17 7.39 5.86 -14.17
N GLY A 18 7.87 5.00 -15.09
CA GLY A 18 9.28 4.55 -15.05
C GLY A 18 10.23 5.73 -15.22
N ASP A 19 9.85 6.70 -16.03
CA ASP A 19 10.67 7.88 -16.28
C ASP A 19 10.84 8.77 -15.04
N VAL A 20 9.73 9.12 -14.39
CA VAL A 20 9.81 10.00 -13.22
C VAL A 20 10.49 9.23 -12.08
N ALA A 21 10.23 7.91 -11.98
CA ALA A 21 10.87 7.09 -10.96
C ALA A 21 12.41 7.12 -11.09
N ASP A 22 12.92 7.08 -12.32
CA ASP A 22 14.36 7.02 -12.57
C ASP A 22 15.03 8.36 -12.35
N VAL A 23 14.41 9.42 -12.85
CA VAL A 23 14.90 10.76 -12.59
C VAL A 23 14.91 11.08 -11.10
N SER A 24 13.84 10.71 -10.40
CA SER A 24 13.72 10.98 -8.97
C SER A 24 14.84 10.26 -8.23
N ARG A 25 15.07 9.00 -8.60
CA ARG A 25 16.10 8.17 -7.99
C ARG A 25 17.46 8.77 -8.31
N ALA A 26 17.67 9.13 -9.58
CA ALA A 26 18.93 9.78 -9.97
C ALA A 26 19.15 10.98 -9.06
N LEU A 27 18.14 11.85 -8.96
CA LEU A 27 18.27 13.07 -8.17
C LEU A 27 18.63 12.83 -6.72
N ARG A 28 17.91 11.94 -6.04
CA ARG A 28 18.19 11.66 -4.62
C ARG A 28 19.62 11.15 -4.36
N LEU A 29 20.17 10.39 -5.28
CA LEU A 29 21.55 9.93 -5.17
C LEU A 29 22.54 11.07 -5.34
N THR A 30 22.17 12.11 -6.10
CA THR A 30 22.97 13.34 -6.18
C THR A 30 22.76 14.17 -4.92
N GLY A 31 21.97 13.69 -3.97
CA GLY A 31 21.65 14.51 -2.75
C GLY A 31 20.57 15.60 -2.84
N ARG A 32 19.83 15.67 -3.94
CA ARG A 32 18.66 16.55 -3.96
C ARG A 32 17.55 15.85 -3.17
N ARG A 33 16.79 16.61 -2.43
CA ARG A 33 15.67 16.03 -1.71
C ARG A 33 14.41 16.18 -2.57
N VAL A 34 13.66 15.09 -2.71
CA VAL A 34 12.52 15.06 -3.63
C VAL A 34 11.21 15.42 -2.89
N MET A 35 10.54 16.49 -3.37
CA MET A 35 9.29 16.97 -2.74
C MET A 35 8.17 16.68 -3.71
N LEU A 36 7.11 16.03 -3.23
CA LEU A 36 5.93 15.77 -4.11
C LEU A 36 4.71 16.56 -3.71
N VAL A 37 4.12 17.21 -4.71
CA VAL A 37 2.86 17.88 -4.58
C VAL A 37 1.84 17.16 -5.48
N PRO A 38 1.02 16.29 -4.87
CA PRO A 38 0.03 15.61 -5.69
C PRO A 38 -1.15 16.51 -5.94
N THR A 39 -1.57 16.61 -7.20
CA THR A 39 -2.77 17.37 -7.49
C THR A 39 -3.68 16.61 -8.49
N MET A 40 -4.94 17.04 -8.54
CA MET A 40 -5.87 16.64 -9.55
C MET A 40 -6.08 17.73 -10.59
N GLY A 41 -5.07 18.54 -10.82
CA GLY A 41 -5.11 19.53 -11.90
C GLY A 41 -6.02 20.70 -11.52
N ALA A 42 -6.40 21.51 -12.50
CA ALA A 42 -7.15 22.73 -12.23
C ALA A 42 -6.53 23.53 -11.04
N LEU A 43 -5.32 24.04 -11.26
CA LEU A 43 -4.50 24.58 -10.16
C LEU A 43 -4.87 25.99 -9.77
N HIS A 44 -4.94 26.23 -8.47
CA HIS A 44 -5.22 27.55 -8.00
C HIS A 44 -4.10 27.98 -7.07
N GLU A 45 -4.33 29.05 -6.33
CA GLU A 45 -3.35 29.63 -5.44
C GLU A 45 -2.98 28.73 -4.23
N GLY A 46 -3.92 27.86 -3.83
CA GLY A 46 -3.65 26.84 -2.80
C GLY A 46 -2.55 25.85 -3.18
N HIS A 47 -2.62 25.35 -4.41
CA HIS A 47 -1.56 24.54 -4.99
C HIS A 47 -0.26 25.27 -5.09
N LEU A 48 -0.31 26.56 -5.44
CA LEU A 48 0.94 27.34 -5.51
C LEU A 48 1.56 27.44 -4.15
N ALA A 49 0.74 27.54 -3.12
CA ALA A 49 1.28 27.58 -1.75
C ALA A 49 1.88 26.24 -1.35
N LEU A 50 1.30 25.14 -1.80
CA LEU A 50 1.86 23.79 -1.58
C LEU A 50 3.22 23.72 -2.24
N VAL A 51 3.28 24.16 -3.48
CA VAL A 51 4.54 24.21 -4.25
C VAL A 51 5.59 25.10 -3.56
N ARG A 52 5.20 26.31 -3.17
CA ARG A 52 6.14 27.23 -2.47
C ARG A 52 6.66 26.63 -1.19
N ALA A 53 5.83 25.88 -0.45
CA ALA A 53 6.28 25.20 0.78
C ALA A 53 7.32 24.18 0.41
N ALA A 54 7.05 23.43 -0.65
CA ALA A 54 7.99 22.40 -1.12
C ALA A 54 9.32 23.03 -1.54
N LYS A 55 9.23 24.12 -2.32
CA LYS A 55 10.44 24.90 -2.78
C LYS A 55 11.32 25.41 -1.63
N ARG A 56 10.77 25.66 -0.46
CA ARG A 56 11.62 26.23 0.56
C ARG A 56 12.46 25.22 1.33
N VAL A 57 12.18 23.92 1.11
CA VAL A 57 13.03 22.82 1.59
C VAL A 57 14.38 22.81 0.83
N PRO A 58 15.50 22.99 1.58
CA PRO A 58 16.85 23.23 1.00
C PRO A 58 17.34 22.16 0.01
N GLY A 59 17.81 22.60 -1.16
CA GLY A 59 18.19 21.71 -2.23
C GLY A 59 17.08 20.75 -2.70
N SER A 60 15.82 21.16 -2.52
CA SER A 60 14.68 20.33 -2.90
C SER A 60 14.58 20.36 -4.40
N VAL A 61 14.14 19.25 -4.97
CA VAL A 61 13.63 19.32 -6.33
C VAL A 61 12.13 19.03 -6.16
N VAL A 62 11.29 19.80 -6.87
CA VAL A 62 9.85 19.66 -6.64
C VAL A 62 9.22 18.94 -7.84
N VAL A 63 8.45 17.90 -7.51
CA VAL A 63 7.63 17.13 -8.44
C VAL A 63 6.15 17.43 -8.17
N VAL A 64 5.42 17.85 -9.18
CA VAL A 64 3.99 18.04 -9.01
C VAL A 64 3.36 17.00 -9.89
N SER A 65 2.43 16.21 -9.37
CA SER A 65 1.82 15.19 -10.20
C SER A 65 0.43 15.68 -10.52
N ILE A 66 0.01 15.49 -11.75
CA ILE A 66 -1.34 15.90 -12.13
C ILE A 66 -2.08 14.65 -12.65
N PHE A 67 -3.13 14.24 -11.97
CA PHE A 67 -3.83 12.98 -12.34
C PHE A 67 -5.19 13.00 -11.72
N VAL A 68 -6.20 12.92 -12.58
CA VAL A 68 -7.60 12.80 -12.16
C VAL A 68 -7.86 11.31 -12.09
N ASN A 69 -8.03 10.85 -10.86
CA ASN A 69 -8.05 9.45 -10.56
C ASN A 69 -9.47 9.02 -10.77
N PRO A 70 -9.73 8.16 -11.77
CA PRO A 70 -11.14 7.74 -11.78
C PRO A 70 -11.60 7.03 -10.51
N MET A 71 -10.66 6.48 -9.73
CA MET A 71 -11.04 5.53 -8.68
C MET A 71 -11.66 6.13 -7.40
N GLN A 72 -11.50 7.43 -7.19
CA GLN A 72 -12.11 8.10 -6.03
C GLN A 72 -13.52 8.69 -6.35
N PHE A 73 -14.00 8.49 -7.58
CA PHE A 73 -15.31 9.01 -8.03
C PHE A 73 -16.43 7.96 -8.10
N LEU A 79 -16.90 12.72 -12.18
CA LEU A 79 -15.72 12.33 -12.95
C LEU A 79 -15.61 13.09 -14.28
N ASP A 80 -16.60 12.92 -15.16
CA ASP A 80 -16.67 13.67 -16.42
C ASP A 80 -16.78 15.19 -16.16
N ALA A 81 -17.50 15.53 -15.08
CA ALA A 81 -17.71 16.91 -14.63
C ALA A 81 -16.45 17.64 -14.12
N TYR A 82 -15.51 16.89 -13.52
CA TYR A 82 -14.33 17.47 -12.87
C TYR A 82 -13.58 18.52 -13.71
N PRO A 83 -13.16 19.65 -13.09
CA PRO A 83 -12.45 20.68 -13.89
C PRO A 83 -11.06 20.21 -14.34
N ARG A 84 -10.79 20.28 -15.64
CA ARG A 84 -9.47 19.97 -16.16
C ARG A 84 -9.04 21.16 -17.00
N THR A 85 -7.84 21.68 -16.74
CA THR A 85 -7.27 22.83 -17.46
C THR A 85 -5.74 22.77 -17.44
N PRO A 86 -5.15 21.77 -18.15
CA PRO A 86 -3.70 21.53 -18.21
C PRO A 86 -2.85 22.67 -18.81
N ASP A 87 -3.48 23.53 -19.62
CA ASP A 87 -2.76 24.68 -20.14
C ASP A 87 -2.48 25.68 -19.01
N ASP A 88 -3.51 25.96 -18.22
CA ASP A 88 -3.40 26.80 -17.05
C ASP A 88 -2.56 26.11 -15.94
N ASP A 89 -2.62 24.78 -15.85
CA ASP A 89 -1.83 24.05 -14.87
C ASP A 89 -0.30 24.17 -15.11
N LEU A 90 0.20 23.78 -16.29
CA LEU A 90 1.68 23.83 -16.56
C LEU A 90 2.30 25.21 -16.65
N ALA A 91 1.52 26.20 -17.06
CA ALA A 91 1.98 27.60 -17.08
C ALA A 91 2.38 28.05 -15.69
N GLN A 92 1.48 27.88 -14.71
CA GLN A 92 1.82 28.26 -13.34
C GLN A 92 3.06 27.52 -12.76
N LEU A 93 3.22 26.22 -13.07
CA LEU A 93 4.37 25.43 -12.58
C LEU A 93 5.75 25.95 -13.05
N ARG A 94 5.85 26.22 -14.36
CA ARG A 94 6.96 26.99 -14.96
C ARG A 94 7.21 28.34 -14.23
N ALA A 95 6.15 29.13 -14.09
CA ALA A 95 6.19 30.39 -13.34
C ALA A 95 6.69 30.22 -11.87
N GLU A 96 6.41 29.08 -11.24
CA GLU A 96 6.89 28.84 -9.87
C GLU A 96 8.26 28.19 -9.80
N GLY A 97 8.85 27.88 -10.94
CA GLY A 97 10.13 27.15 -10.93
C GLY A 97 10.06 25.67 -10.49
N VAL A 98 8.93 25.02 -10.69
CA VAL A 98 8.88 23.53 -10.50
C VAL A 98 9.66 22.87 -11.62
N GLU A 99 10.55 21.95 -11.30
CA GLU A 99 11.32 21.25 -12.34
C GLU A 99 10.77 19.94 -12.90
N ILE A 100 9.84 19.30 -12.18
CA ILE A 100 9.20 18.07 -12.72
C ILE A 100 7.66 18.13 -12.60
N ALA A 101 6.98 17.93 -13.74
CA ALA A 101 5.56 17.59 -13.75
C ALA A 101 5.34 16.10 -14.16
N PHE A 102 4.53 15.42 -13.38
CA PHE A 102 4.30 14.02 -13.66
C PHE A 102 2.85 13.90 -14.07
N THR A 103 2.65 13.57 -15.33
CA THR A 103 1.30 13.59 -15.85
C THR A 103 0.95 12.19 -16.44
N PRO A 104 0.69 11.19 -15.56
CA PRO A 104 0.38 9.86 -16.09
C PRO A 104 -1.03 9.70 -16.73
N THR A 105 -1.11 8.79 -17.68
CA THR A 105 -2.35 8.34 -18.30
C THR A 105 -3.04 7.33 -17.36
N THR A 106 -4.35 7.22 -17.46
CA THR A 106 -5.07 6.20 -16.74
C THR A 106 -4.54 4.77 -17.02
N ALA A 107 -4.15 4.53 -18.27
CA ALA A 107 -3.63 3.22 -18.66
C ALA A 107 -2.33 2.87 -17.94
N ALA A 108 -1.43 3.85 -17.78
CA ALA A 108 -0.15 3.64 -17.10
C ALA A 108 -0.30 3.43 -15.62
N MET A 109 -1.31 4.02 -15.01
CA MET A 109 -1.59 3.91 -13.61
C MET A 109 -2.38 2.65 -13.23
N TYR A 110 -3.34 2.27 -14.10
CA TYR A 110 -4.22 1.14 -13.90
C TYR A 110 -4.24 0.20 -15.12
N PRO A 111 -3.07 -0.35 -15.53
CA PRO A 111 -3.01 -1.26 -16.67
C PRO A 111 -3.86 -2.53 -16.42
N ASP A 112 -4.09 -2.92 -15.17
CA ASP A 112 -4.87 -4.17 -14.88
C ASP A 112 -6.22 -3.86 -14.31
N GLY A 113 -6.60 -2.59 -14.41
CA GLY A 113 -7.80 -2.12 -13.75
C GLY A 113 -7.53 -1.96 -12.27
N LEU A 114 -8.59 -1.88 -11.50
CA LEU A 114 -8.43 -1.87 -10.11
C LEU A 114 -8.34 -3.32 -9.68
N ARG A 115 -7.29 -3.65 -8.95
CA ARG A 115 -7.05 -5.04 -8.49
C ARG A 115 -6.63 -4.95 -7.04
N THR A 116 -5.35 -4.80 -6.75
CA THR A 116 -4.96 -4.66 -5.31
C THR A 116 -5.30 -3.21 -4.94
N THR A 117 -5.99 -3.02 -3.81
CA THR A 117 -6.33 -1.65 -3.34
C THR A 117 -5.99 -1.49 -1.86
N VAL A 118 -5.93 -0.24 -1.43
CA VAL A 118 -5.78 0.08 -0.02
C VAL A 118 -7.17 0.09 0.62
N GLN A 119 -7.34 -0.64 1.70
CA GLN A 119 -8.60 -0.54 2.46
C GLN A 119 -8.30 0.41 3.68
N PRO A 120 -8.84 1.63 3.68
CA PRO A 120 -8.55 2.59 4.79
C PRO A 120 -9.14 2.09 6.12
N GLY A 121 -8.71 2.64 7.24
CA GLY A 121 -9.44 2.31 8.50
C GLY A 121 -10.88 2.84 8.55
N PRO A 122 -11.54 2.69 9.72
CA PRO A 122 -12.92 3.08 9.92
C PRO A 122 -13.18 4.61 9.78
N LEU A 123 -12.17 5.45 9.94
CA LEU A 123 -12.36 6.88 9.63
C LEU A 123 -12.94 7.06 8.24
N ALA A 124 -12.63 6.14 7.32
CA ALA A 124 -13.07 6.28 5.94
C ALA A 124 -14.57 6.09 5.71
N ALA A 125 -15.28 5.59 6.74
CA ALA A 125 -16.73 5.41 6.64
C ALA A 125 -17.43 6.56 7.32
N GLU A 126 -16.68 7.52 7.84
CA GLU A 126 -17.29 8.66 8.54
C GLU A 126 -17.27 9.93 7.72
N LEU A 127 -18.14 10.88 8.07
CA LEU A 127 -18.09 12.22 7.50
C LEU A 127 -18.25 12.14 5.98
N GLU A 128 -17.20 12.48 5.22
CA GLU A 128 -17.29 12.53 3.76
C GLU A 128 -17.45 11.11 3.18
N GLY A 129 -16.97 10.11 3.91
CA GLY A 129 -17.05 8.73 3.41
C GLY A 129 -18.38 8.05 3.70
N GLY A 130 -19.24 8.66 4.52
CA GLY A 130 -20.52 8.03 4.93
C GLY A 130 -21.39 7.56 3.75
N PRO A 131 -21.77 8.49 2.84
CA PRO A 131 -22.48 8.23 1.60
C PRO A 131 -21.57 7.95 0.38
N ARG A 132 -20.26 7.86 0.61
CA ARG A 132 -19.29 7.54 -0.45
C ARG A 132 -18.34 6.45 0.06
N PRO A 133 -18.85 5.20 0.13
CA PRO A 133 -18.18 4.03 0.77
C PRO A 133 -16.76 3.69 0.27
N THR A 134 -16.51 3.79 -1.02
CA THR A 134 -15.19 3.42 -1.59
C THR A 134 -14.36 4.67 -1.95
N HIS A 135 -14.88 5.87 -1.66
CA HIS A 135 -14.20 7.09 -2.04
C HIS A 135 -12.78 7.13 -1.51
N PHE A 136 -12.60 6.94 -0.22
CA PHE A 136 -11.26 7.03 0.34
C PHE A 136 -10.34 5.87 0.04
N ALA A 137 -10.89 4.69 -0.23
CA ALA A 137 -10.13 3.57 -0.75
C ALA A 137 -9.48 4.01 -2.06
N GLY A 138 -10.25 4.61 -2.97
CA GLY A 138 -9.68 5.18 -4.24
C GLY A 138 -8.57 6.21 -4.06
N VAL A 139 -8.74 7.12 -3.10
CA VAL A 139 -7.74 8.16 -2.80
C VAL A 139 -6.45 7.55 -2.21
N LEU A 140 -6.55 6.64 -1.24
CA LEU A 140 -5.35 6.11 -0.60
C LEU A 140 -4.56 5.24 -1.55
N THR A 141 -5.27 4.59 -2.47
CA THR A 141 -4.59 3.73 -3.48
C THR A 141 -3.75 4.58 -4.44
N VAL A 142 -4.34 5.64 -4.97
CA VAL A 142 -3.60 6.51 -5.88
C VAL A 142 -2.45 7.19 -5.16
N VAL A 143 -2.66 7.63 -3.92
CA VAL A 143 -1.59 8.31 -3.19
C VAL A 143 -0.46 7.32 -2.91
N LEU A 144 -0.79 6.08 -2.49
CA LEU A 144 0.26 5.09 -2.28
C LEU A 144 1.03 4.91 -3.61
N LYS A 145 0.32 4.82 -4.71
CA LYS A 145 1.04 4.49 -5.95
C LYS A 145 1.98 5.63 -6.32
N LEU A 146 1.51 6.89 -6.20
CA LEU A 146 2.34 8.07 -6.43
C LEU A 146 3.54 8.15 -5.52
N LEU A 147 3.36 7.83 -4.26
CA LEU A 147 4.50 7.77 -3.32
C LEU A 147 5.53 6.73 -3.69
N GLN A 148 5.05 5.57 -4.13
CA GLN A 148 5.99 4.54 -4.56
C GLN A 148 6.69 4.86 -5.87
N ILE A 149 6.00 5.54 -6.79
CA ILE A 149 6.61 5.90 -8.09
C ILE A 149 7.70 6.96 -7.90
N VAL A 150 7.37 8.01 -7.16
CA VAL A 150 8.22 9.19 -6.98
C VAL A 150 9.21 9.01 -5.81
N ARG A 151 8.83 8.22 -4.80
CA ARG A 151 9.58 8.05 -3.55
C ARG A 151 10.09 9.37 -3.02
N PRO A 152 9.16 10.26 -2.67
CA PRO A 152 9.67 11.55 -2.18
C PRO A 152 10.06 11.48 -0.72
N ASP A 153 10.85 12.47 -0.30
CA ASP A 153 11.16 12.68 1.13
C ASP A 153 10.01 13.29 1.88
N ARG A 154 9.27 14.18 1.23
CA ARG A 154 8.09 14.79 1.84
C ARG A 154 7.03 14.97 0.76
N VAL A 155 5.79 14.84 1.18
CA VAL A 155 4.68 15.02 0.32
C VAL A 155 3.80 16.09 0.92
N PHE A 156 3.27 16.96 0.07
CA PHE A 156 2.48 18.12 0.54
C PHE A 156 0.99 18.10 0.26
N PHE A 157 0.20 18.35 1.29
CA PHE A 157 -1.24 18.45 1.13
C PHE A 157 -1.77 19.70 1.82
N GLY A 158 -2.83 20.32 1.25
CA GLY A 158 -3.54 21.38 1.94
C GLY A 158 -4.40 20.82 3.06
N GLU A 159 -4.66 21.64 4.09
CA GLU A 159 -5.52 21.23 5.22
C GLU A 159 -7.02 21.30 4.94
N LYS A 160 -7.40 21.79 3.78
CA LYS A 160 -8.78 21.92 3.46
C LYS A 160 -9.53 20.60 3.48
N ASP A 161 -8.99 19.63 2.79
CA ASP A 161 -9.59 18.29 2.85
C ASP A 161 -8.94 17.60 4.02
N TYR A 162 -9.33 18.04 5.21
CA TYR A 162 -8.68 17.54 6.41
C TYR A 162 -8.81 16.02 6.67
N GLN A 163 -10.02 15.48 6.55
CA GLN A 163 -10.22 14.04 6.70
C GLN A 163 -9.28 13.27 5.76
N GLN A 164 -9.18 13.71 4.53
CA GLN A 164 -8.24 13.10 3.57
C GLN A 164 -6.78 13.09 4.04
N LEU A 165 -6.33 14.23 4.60
CA LEU A 165 -4.96 14.36 5.12
C LEU A 165 -4.73 13.41 6.30
N VAL A 166 -5.72 13.30 7.19
CA VAL A 166 -5.58 12.43 8.34
C VAL A 166 -5.44 10.96 7.87
N LEU A 167 -6.23 10.59 6.86
CA LEU A 167 -6.22 9.26 6.30
C LEU A 167 -4.88 8.96 5.64
N ILE A 168 -4.29 9.97 5.00
CA ILE A 168 -2.97 9.80 4.38
C ILE A 168 -1.88 9.65 5.44
N ARG A 169 -1.99 10.37 6.56
CA ARG A 169 -1.07 10.18 7.66
C ARG A 169 -1.19 8.77 8.16
N GLN A 170 -2.40 8.23 8.25
CA GLN A 170 -2.62 6.83 8.68
C GLN A 170 -1.96 5.85 7.71
N LEU A 171 -2.26 6.03 6.43
CA LEU A 171 -1.63 5.26 5.33
C LEU A 171 -0.11 5.16 5.52
N VAL A 172 0.53 6.30 5.68
CA VAL A 172 1.99 6.41 5.79
C VAL A 172 2.54 5.74 7.08
N ALA A 173 1.85 5.93 8.23
CA ALA A 173 2.24 5.27 9.50
C ALA A 173 1.98 3.72 9.43
N ASP A 174 0.83 3.36 8.87
CA ASP A 174 0.33 1.97 8.89
C ASP A 174 1.11 1.10 7.91
N PHE A 175 1.65 1.69 6.83
CA PHE A 175 2.43 0.93 5.87
C PHE A 175 3.92 1.27 5.96
N ASN A 176 4.36 1.90 7.06
CA ASN A 176 5.77 2.21 7.31
C ASN A 176 6.42 2.97 6.13
N LEU A 177 5.69 3.90 5.53
CA LEU A 177 6.19 4.57 4.34
C LEU A 177 7.31 5.53 4.76
N ASP A 178 8.35 5.69 3.95
CA ASP A 178 9.49 6.53 4.39
C ASP A 178 9.35 7.94 3.84
N VAL A 179 8.32 8.66 4.30
CA VAL A 179 7.95 9.96 3.73
C VAL A 179 7.37 10.79 4.84
N ALA A 180 7.76 12.06 4.92
CA ALA A 180 7.10 13.01 5.83
C ALA A 180 5.86 13.66 5.20
N VAL A 181 4.72 13.58 5.90
CA VAL A 181 3.52 14.25 5.42
C VAL A 181 3.45 15.71 5.98
N VAL A 182 3.33 16.68 5.04
CA VAL A 182 3.24 18.13 5.42
C VAL A 182 1.86 18.67 5.07
N GLY A 183 1.10 19.08 6.09
CA GLY A 183 -0.17 19.77 5.85
C GLY A 183 0.08 21.28 5.69
N VAL A 184 -0.50 21.90 4.68
CA VAL A 184 -0.31 23.34 4.46
C VAL A 184 -1.61 24.07 4.77
N PRO A 185 -1.56 25.12 5.64
CA PRO A 185 -2.76 25.87 6.01
C PRO A 185 -3.50 26.29 4.74
N THR A 186 -4.81 26.13 4.77
CA THR A 186 -5.73 26.40 3.66
C THR A 186 -5.63 27.90 3.24
N VAL A 187 -5.37 28.13 1.94
CA VAL A 187 -5.34 29.47 1.35
C VAL A 187 -6.78 29.91 1.14
N ARG A 188 -7.09 31.16 1.48
CA ARG A 188 -8.45 31.66 1.41
C ARG A 188 -8.57 32.87 0.49
N GLU A 189 -9.73 33.03 -0.16
CA GLU A 189 -10.11 34.30 -0.77
C GLU A 189 -10.15 35.39 0.31
N ALA A 190 -10.30 36.64 -0.08
CA ALA A 190 -10.05 37.71 0.89
C ALA A 190 -11.20 37.82 1.91
N ASP A 191 -12.39 37.34 1.54
CA ASP A 191 -13.46 37.24 2.52
C ASP A 191 -13.41 35.99 3.45
N GLY A 192 -12.44 35.09 3.24
CA GLY A 192 -12.29 33.87 4.06
C GLY A 192 -12.80 32.60 3.36
N LEU A 193 -13.44 32.75 2.23
CA LEU A 193 -13.80 31.54 1.47
C LEU A 193 -12.60 30.59 1.18
N ALA A 194 -12.68 29.33 1.60
CA ALA A 194 -11.58 28.37 1.33
C ALA A 194 -11.48 28.15 -0.18
N MET A 195 -10.25 28.31 -0.71
CA MET A 195 -9.90 27.95 -2.09
C MET A 195 -10.42 26.57 -2.40
N SER A 196 -11.12 26.47 -3.52
CA SER A 196 -11.50 25.19 -4.02
C SER A 196 -11.78 25.25 -5.51
N SER A 197 -11.57 24.11 -6.17
CA SER A 197 -11.92 23.91 -7.58
C SER A 197 -13.42 24.06 -7.77
N ARG A 198 -14.18 23.73 -6.72
CA ARG A 198 -15.64 23.79 -6.77
C ARG A 198 -16.27 25.17 -6.63
N ASN A 199 -15.47 26.16 -6.24
CA ASN A 199 -15.99 27.52 -6.09
C ASN A 199 -16.53 28.08 -7.40
N ARG A 200 -15.87 27.69 -8.51
CA ARG A 200 -16.20 28.20 -9.85
C ARG A 200 -17.67 27.91 -10.18
N TYR A 201 -18.22 26.88 -9.53
CA TYR A 201 -19.63 26.49 -9.73
C TYR A 201 -20.64 27.32 -8.94
N LEU A 202 -20.18 28.33 -8.22
CA LEU A 202 -21.09 29.19 -7.46
C LEU A 202 -21.59 30.36 -8.30
N ASP A 203 -22.89 30.50 -8.47
CA ASP A 203 -23.39 31.73 -9.10
C ASP A 203 -23.12 32.87 -8.10
N PRO A 204 -23.26 34.15 -8.52
CA PRO A 204 -23.01 35.30 -7.64
C PRO A 204 -23.81 35.33 -6.34
N ALA A 205 -25.03 34.86 -6.34
CA ALA A 205 -25.78 34.78 -5.09
C ALA A 205 -25.06 33.81 -4.15
N GLN A 206 -24.82 32.58 -4.65
CA GLN A 206 -24.21 31.50 -3.90
C GLN A 206 -22.82 31.83 -3.41
N ARG A 207 -22.03 32.56 -4.21
CA ARG A 207 -20.69 32.92 -3.80
C ARG A 207 -20.72 33.88 -2.59
N ALA A 208 -21.68 34.81 -2.58
CA ALA A 208 -21.89 35.74 -1.47
C ALA A 208 -22.30 34.98 -0.21
N ALA A 209 -23.18 34.00 -0.38
CA ALA A 209 -23.66 33.23 0.73
C ALA A 209 -22.59 32.29 1.36
N ALA A 210 -21.65 31.86 0.48
CA ALA A 210 -20.64 30.83 0.76
C ALA A 210 -19.67 31.32 1.86
N VAL A 211 -19.61 32.62 2.06
CA VAL A 211 -18.74 33.18 3.10
C VAL A 211 -19.22 32.67 4.47
N ALA A 212 -20.42 32.10 4.50
CA ALA A 212 -20.98 31.66 5.76
C ALA A 212 -20.18 30.51 6.39
N LEU A 213 -19.53 29.69 5.57
CA LEU A 213 -18.92 28.50 6.17
C LEU A 213 -17.72 28.95 7.00
N SER A 214 -16.87 29.78 6.40
CA SER A 214 -15.68 30.27 7.08
C SER A 214 -16.05 31.22 8.23
N ALA A 215 -17.06 32.08 8.04
CA ALA A 215 -17.58 32.97 9.10
C ALA A 215 -18.06 32.17 10.31
N ALA A 216 -18.78 31.10 10.02
CA ALA A 216 -19.28 30.21 11.06
C ALA A 216 -18.14 29.58 11.85
N LEU A 217 -17.10 29.13 11.15
CA LEU A 217 -15.95 28.48 11.73
C LEU A 217 -15.11 29.43 12.61
N THR A 218 -14.81 30.61 12.08
CA THR A 218 -14.08 31.62 12.85
C THR A 218 -14.95 32.02 14.05
N ALA A 219 -16.26 32.14 13.84
CA ALA A 219 -17.15 32.46 14.98
C ALA A 219 -17.02 31.44 16.10
N ALA A 220 -17.14 30.17 15.74
CA ALA A 220 -16.97 29.05 16.69
C ALA A 220 -15.61 29.10 17.35
N ALA A 221 -14.56 29.36 16.58
CA ALA A 221 -13.25 29.36 17.15
C ALA A 221 -13.06 30.40 18.28
N HIS A 222 -13.76 31.53 18.22
CA HIS A 222 -13.69 32.54 19.32
C HIS A 222 -14.79 32.35 20.36
N ALA A 223 -15.95 31.85 19.94
CA ALA A 223 -16.99 31.38 20.85
C ALA A 223 -16.45 30.32 21.84
N ALA A 224 -15.43 29.58 21.41
CA ALA A 224 -15.00 28.37 22.15
C ALA A 224 -14.47 28.60 23.59
N THR A 225 -14.13 29.85 23.94
CA THR A 225 -13.67 30.14 25.33
C THR A 225 -14.81 29.78 26.28
N ALA A 226 -16.04 29.85 25.76
CA ALA A 226 -17.20 29.48 26.52
C ALA A 226 -17.60 27.99 26.34
N GLY A 227 -16.78 27.20 25.64
CA GLY A 227 -17.05 25.75 25.62
C GLY A 227 -17.57 25.25 24.30
N ALA A 228 -17.74 23.92 24.22
CA ALA A 228 -18.04 23.26 22.97
C ALA A 228 -19.43 23.57 22.47
N GLN A 229 -20.40 23.60 23.38
CA GLN A 229 -21.76 23.86 22.94
C GLN A 229 -21.91 25.29 22.36
N ALA A 230 -21.37 26.27 23.06
CA ALA A 230 -21.33 27.63 22.61
C ALA A 230 -20.65 27.75 21.25
N ALA A 231 -19.53 27.07 21.06
CA ALA A 231 -18.78 27.12 19.77
C ALA A 231 -19.66 26.58 18.62
N LEU A 232 -20.22 25.40 18.84
CA LEU A 232 -21.16 24.76 17.92
C LEU A 232 -22.45 25.56 17.66
N ASP A 233 -23.05 26.08 18.73
CA ASP A 233 -24.20 26.96 18.59
C ASP A 233 -23.89 28.24 17.81
N ALA A 234 -22.69 28.76 17.92
CA ALA A 234 -22.40 30.05 17.23
C ALA A 234 -22.31 29.76 15.72
N ALA A 235 -21.56 28.71 15.39
CA ALA A 235 -21.42 28.19 14.03
C ALA A 235 -22.76 27.89 13.36
N ARG A 236 -23.65 27.20 14.05
CA ARG A 236 -25.01 26.90 13.55
C ARG A 236 -25.81 28.15 13.23
N ALA A 237 -25.70 29.16 14.08
CA ALA A 237 -26.45 30.39 13.92
C ALA A 237 -25.98 31.12 12.69
N VAL A 238 -24.67 31.20 12.50
CA VAL A 238 -24.12 31.83 11.30
C VAL A 238 -24.61 31.06 10.05
N LEU A 239 -24.58 29.73 10.10
CA LEU A 239 -25.03 28.92 8.93
C LEU A 239 -26.53 29.12 8.66
N ASP A 240 -27.34 28.99 9.73
CA ASP A 240 -28.77 29.32 9.69
C ASP A 240 -29.17 30.72 9.20
N ALA A 241 -28.37 31.73 9.47
CA ALA A 241 -28.65 33.08 9.03
C ALA A 241 -28.40 33.23 7.52
N ALA A 242 -27.80 32.21 6.89
CA ALA A 242 -27.30 32.35 5.49
C ALA A 242 -28.28 31.78 4.48
N PRO A 243 -28.57 32.56 3.44
CA PRO A 243 -29.54 32.23 2.40
C PRO A 243 -29.03 31.08 1.52
N GLY A 244 -29.86 30.07 1.37
CA GLY A 244 -29.55 28.98 0.48
C GLY A 244 -28.37 28.15 0.89
N VAL A 245 -28.02 28.15 2.17
CA VAL A 245 -26.98 27.26 2.65
C VAL A 245 -27.64 26.10 3.35
N ALA A 246 -27.55 24.93 2.75
CA ALA A 246 -28.07 23.71 3.35
C ALA A 246 -26.94 22.91 3.99
N VAL A 247 -26.93 22.87 5.31
CA VAL A 247 -25.89 22.15 6.05
C VAL A 247 -25.97 20.62 5.99
N ASP A 248 -24.87 19.99 5.57
N ASP A 248 -24.85 19.99 5.66
CA ASP A 248 -24.76 18.53 5.60
CA ASP A 248 -24.73 18.54 5.56
C ASP A 248 -24.37 18.06 6.99
C ASP A 248 -24.28 17.96 6.90
N TYR A 249 -23.18 18.48 7.44
CA TYR A 249 -22.73 18.17 8.80
C TYR A 249 -21.91 19.34 9.33
N LEU A 250 -21.81 19.39 10.66
CA LEU A 250 -21.08 20.39 11.37
C LEU A 250 -20.63 19.68 12.63
N GLU A 251 -19.34 19.32 12.70
CA GLU A 251 -18.85 18.38 13.67
C GLU A 251 -17.54 18.75 14.23
N LEU A 252 -17.45 18.54 15.52
CA LEU A 252 -16.30 18.93 16.28
C LEU A 252 -15.62 17.65 16.75
N ARG A 253 -14.34 17.48 16.42
CA ARG A 253 -13.64 16.25 16.71
C ARG A 253 -12.28 16.50 17.25
N ASP A 254 -11.67 15.45 17.71
CA ASP A 254 -10.27 15.48 18.03
C ASP A 254 -9.42 15.68 16.74
N ILE A 255 -8.16 16.08 16.85
CA ILE A 255 -7.39 16.44 15.66
C ILE A 255 -7.08 15.29 14.70
N GLY A 256 -7.01 14.06 15.24
CA GLY A 256 -6.87 12.85 14.46
C GLY A 256 -8.22 12.37 14.03
N LEU A 257 -9.27 13.15 14.35
CA LEU A 257 -10.65 12.84 13.99
C LEU A 257 -11.23 11.53 14.53
N GLY A 258 -10.46 10.81 15.37
CA GLY A 258 -10.61 9.33 15.55
C GLY A 258 -11.33 8.84 16.81
N PRO A 259 -11.16 7.53 17.16
CA PRO A 259 -11.85 6.84 18.29
C PRO A 259 -11.42 7.36 19.68
N MET A 260 -11.60 8.67 19.86
CA MET A 260 -11.23 9.38 21.07
C MET A 260 -12.12 10.64 21.09
N PRO A 261 -12.68 10.99 22.28
CA PRO A 261 -13.58 12.15 22.46
C PRO A 261 -13.04 13.48 21.88
N LEU A 262 -12.99 14.50 22.71
CA LEU A 262 -12.25 15.70 22.43
C LEU A 262 -11.60 16.09 23.76
N ASN A 263 -10.38 16.60 23.68
CA ASN A 263 -9.70 17.28 24.79
C ASN A 263 -9.91 18.83 24.81
N GLY A 264 -8.80 19.57 24.92
CA GLY A 264 -8.85 21.01 24.84
C GLY A 264 -8.82 21.49 23.41
N SER A 265 -8.29 20.65 22.52
CA SER A 265 -7.97 21.08 21.17
C SER A 265 -8.48 20.08 20.14
N GLY A 266 -8.89 20.60 18.99
CA GLY A 266 -9.47 19.73 17.97
C GLY A 266 -9.76 20.44 16.70
N ARG A 267 -10.74 19.94 15.97
CA ARG A 267 -10.98 20.39 14.63
C ARG A 267 -12.44 20.45 14.49
N LEU A 268 -12.90 21.61 14.02
CA LEU A 268 -14.30 21.77 13.61
C LEU A 268 -14.45 21.67 12.08
N LEU A 269 -15.35 20.79 11.65
CA LEU A 269 -15.52 20.45 10.21
C LEU A 269 -16.93 20.76 9.83
N VAL A 270 -17.10 21.38 8.67
CA VAL A 270 -18.43 21.69 8.13
C VAL A 270 -18.47 21.26 6.66
N ALA A 271 -19.58 20.68 6.23
CA ALA A 271 -19.86 20.45 4.82
C ALA A 271 -21.25 21.02 4.65
N ALA A 272 -21.48 21.74 3.57
CA ALA A 272 -22.74 22.42 3.25
C ALA A 272 -22.98 22.45 1.73
N ARG A 273 -24.25 22.50 1.30
CA ARG A 273 -24.64 22.59 -0.13
C ARG A 273 -25.16 23.97 -0.50
N LEU A 274 -24.64 24.54 -1.59
CA LEU A 274 -25.18 25.76 -2.15
C LEU A 274 -25.74 25.45 -3.52
N GLY A 275 -27.05 25.24 -3.63
CA GLY A 275 -27.62 24.78 -4.89
C GLY A 275 -27.07 23.37 -5.08
N THR A 276 -26.34 23.12 -6.18
CA THR A 276 -25.83 21.74 -6.39
C THR A 276 -24.40 21.52 -5.84
N THR A 277 -23.76 22.63 -5.48
CA THR A 277 -22.34 22.65 -5.07
C THR A 277 -22.13 22.32 -3.60
N ARG A 278 -21.36 21.28 -3.35
CA ARG A 278 -20.97 20.95 -1.98
C ARG A 278 -19.67 21.64 -1.58
N LEU A 279 -19.74 22.42 -0.49
CA LEU A 279 -18.55 23.11 0.06
C LEU A 279 -18.13 22.52 1.38
N LEU A 280 -16.81 22.38 1.59
CA LEU A 280 -16.31 21.91 2.91
C LEU A 280 -15.36 22.95 3.48
N ASP A 281 -15.23 22.98 4.80
CA ASP A 281 -14.18 23.80 5.39
C ASP A 281 -13.90 23.21 6.76
N ASN A 282 -12.76 23.60 7.31
CA ASN A 282 -12.51 23.20 8.72
C ASN A 282 -11.58 24.17 9.40
N ILE A 283 -11.49 24.07 10.72
CA ILE A 283 -10.57 24.97 11.41
C ILE A 283 -10.10 24.27 12.69
N ALA A 284 -8.91 24.61 13.15
CA ALA A 284 -8.43 24.21 14.46
C ALA A 284 -9.25 24.98 15.47
N ILE A 285 -9.61 24.30 16.55
CA ILE A 285 -10.43 24.88 17.61
C ILE A 285 -9.79 24.51 18.97
N GLU A 286 -9.72 25.48 19.87
CA GLU A 286 -9.28 25.19 21.24
C GLU A 286 -10.43 25.50 22.17
N ILE A 287 -10.71 24.58 23.08
CA ILE A 287 -11.90 24.66 23.91
C ILE A 287 -11.50 25.14 25.31
N GLY A 288 -12.26 26.09 25.87
CA GLY A 288 -11.97 26.69 27.20
C GLY A 288 -10.60 27.33 27.24
N THR A 289 -9.79 26.89 28.20
CA THR A 289 -8.35 27.21 28.25
C THR A 289 -7.66 26.65 26.99
N PHE A 290 -6.89 27.53 26.34
CA PHE A 290 -6.69 27.51 24.88
C PHE A 290 -8.04 27.71 24.17
N ALA B 2 22.45 8.78 14.41
CA ALA B 2 23.39 7.64 14.57
C ALA B 2 22.73 6.35 14.08
N ILE B 3 23.38 5.69 13.12
CA ILE B 3 23.00 4.39 12.58
C ILE B 3 23.20 3.32 13.68
N PRO B 4 22.25 2.38 13.82
CA PRO B 4 22.44 1.39 14.89
C PRO B 4 23.64 0.51 14.50
N ALA B 5 24.31 -0.10 15.49
CA ALA B 5 25.47 -0.96 15.19
C ALA B 5 25.13 -2.17 14.32
N PHE B 6 26.02 -2.38 13.33
CA PHE B 6 26.04 -3.50 12.41
C PHE B 6 27.49 -4.04 12.32
N HIS B 7 27.69 -5.33 12.60
CA HIS B 7 29.02 -5.96 12.46
C HIS B 7 29.04 -6.92 11.27
N PRO B 8 29.66 -6.49 10.14
CA PRO B 8 29.75 -7.29 8.92
C PRO B 8 30.21 -8.72 9.18
N GLY B 9 29.64 -9.68 8.45
CA GLY B 9 29.97 -11.09 8.61
C GLY B 9 29.61 -11.69 9.97
N GLU B 10 28.87 -10.95 10.79
CA GLU B 10 28.24 -11.52 12.00
C GLU B 10 26.71 -11.56 11.83
N LEU B 11 26.02 -12.44 12.58
CA LEU B 11 24.56 -12.33 12.70
C LEU B 11 24.14 -11.14 13.55
N ASN B 12 23.53 -10.14 12.92
CA ASN B 12 23.03 -8.95 13.62
C ASN B 12 21.50 -8.99 13.75
N VAL B 13 21.03 -8.96 14.99
CA VAL B 13 19.62 -9.14 15.30
C VAL B 13 19.02 -7.84 15.75
N TYR B 14 18.01 -7.37 15.01
CA TYR B 14 17.26 -6.16 15.36
C TYR B 14 15.80 -6.47 15.55
N SER B 15 15.24 -5.86 16.57
CA SER B 15 13.79 -5.94 16.79
C SER B 15 13.03 -4.67 16.45
N ALA B 16 13.70 -3.53 16.40
CA ALA B 16 13.04 -2.28 16.11
C ALA B 16 12.91 -2.13 14.63
N PRO B 17 11.68 -1.95 14.13
CA PRO B 17 11.61 -1.64 12.73
C PRO B 17 12.49 -0.46 12.30
N GLY B 18 12.56 0.60 13.10
CA GLY B 18 13.39 1.77 12.72
C GLY B 18 14.85 1.42 12.63
N ASP B 19 15.27 0.50 13.49
CA ASP B 19 16.65 0.05 13.48
C ASP B 19 17.03 -0.70 12.22
N VAL B 20 16.24 -1.72 11.89
CA VAL B 20 16.57 -2.48 10.66
C VAL B 20 16.44 -1.53 9.43
N ALA B 21 15.50 -0.60 9.46
CA ALA B 21 15.36 0.33 8.34
C ALA B 21 16.66 1.13 8.12
N ASP B 22 17.25 1.64 9.24
CA ASP B 22 18.48 2.50 9.24
C ASP B 22 19.69 1.72 8.79
N VAL B 23 19.82 0.50 9.30
CA VAL B 23 20.91 -0.37 8.92
C VAL B 23 20.81 -0.74 7.42
N SER B 24 19.64 -1.19 6.98
CA SER B 24 19.42 -1.51 5.58
C SER B 24 19.77 -0.32 4.66
N ARG B 25 19.32 0.88 5.01
CA ARG B 25 19.71 2.11 4.30
C ARG B 25 21.22 2.33 4.37
N ALA B 26 21.83 2.26 5.56
CA ALA B 26 23.30 2.39 5.61
C ALA B 26 24.03 1.38 4.68
N LEU B 27 23.48 0.15 4.61
CA LEU B 27 24.11 -0.90 3.82
C LEU B 27 23.96 -0.62 2.31
N ARG B 28 22.75 -0.26 1.91
CA ARG B 28 22.38 0.06 0.53
C ARG B 28 23.28 1.18 -0.01
N LEU B 29 23.59 2.16 0.84
CA LEU B 29 24.48 3.28 0.48
C LEU B 29 25.96 2.92 0.43
N THR B 30 26.37 1.80 1.06
CA THR B 30 27.77 1.37 1.02
C THR B 30 28.02 0.40 -0.14
N GLY B 31 27.00 0.13 -0.95
CA GLY B 31 27.16 -0.76 -2.09
C GLY B 31 26.35 -2.05 -2.06
N ARG B 32 26.13 -2.60 -0.86
CA ARG B 32 25.47 -3.91 -0.69
C ARG B 32 24.06 -3.95 -1.29
N ARG B 33 23.71 -5.10 -1.83
CA ARG B 33 22.41 -5.35 -2.41
C ARG B 33 21.59 -6.01 -1.32
N VAL B 34 20.48 -5.39 -0.88
CA VAL B 34 19.69 -5.95 0.24
C VAL B 34 18.66 -7.04 -0.18
N MET B 35 18.78 -8.22 0.41
CA MET B 35 17.92 -9.36 0.01
C MET B 35 17.03 -9.68 1.17
N LEU B 36 15.72 -9.81 0.95
CA LEU B 36 14.81 -10.11 2.07
C LEU B 36 14.23 -11.51 2.01
N VAL B 37 14.40 -12.27 3.10
CA VAL B 37 13.73 -13.60 3.26
C VAL B 37 12.70 -13.56 4.41
N PRO B 38 11.41 -13.38 4.08
CA PRO B 38 10.44 -13.35 5.19
C PRO B 38 10.06 -14.76 5.66
N THR B 39 9.95 -14.94 6.96
CA THR B 39 9.66 -16.23 7.59
C THR B 39 8.77 -15.98 8.79
N MET B 40 8.04 -17.00 9.18
CA MET B 40 7.36 -16.98 10.45
C MET B 40 8.16 -17.79 11.43
N GLY B 41 9.46 -17.91 11.12
CA GLY B 41 10.36 -18.73 11.96
C GLY B 41 10.13 -20.23 11.83
N ALA B 42 10.50 -20.99 12.87
CA ALA B 42 10.58 -22.44 12.84
C ALA B 42 11.22 -22.89 11.53
N LEU B 43 12.50 -22.52 11.33
CA LEU B 43 13.13 -22.63 10.00
C LEU B 43 13.38 -24.08 9.58
N HIS B 44 13.25 -24.35 8.29
CA HIS B 44 13.50 -25.68 7.78
C HIS B 44 14.29 -25.57 6.48
N GLU B 45 14.49 -26.68 5.79
CA GLU B 45 15.40 -26.68 4.67
C GLU B 45 14.94 -25.77 3.55
N GLY B 46 13.61 -25.59 3.45
CA GLY B 46 12.97 -24.67 2.50
C GLY B 46 13.36 -23.22 2.74
N HIS B 47 13.50 -22.83 3.99
CA HIS B 47 14.02 -21.48 4.32
C HIS B 47 15.50 -21.36 3.99
N LEU B 48 16.30 -22.39 4.27
CA LEU B 48 17.70 -22.37 3.96
C LEU B 48 17.91 -22.27 2.46
N ALA B 49 17.07 -22.95 1.65
CA ALA B 49 17.10 -22.75 0.21
C ALA B 49 16.82 -21.30 -0.20
N LEU B 50 15.89 -20.62 0.46
CA LEU B 50 15.64 -19.16 0.21
C LEU B 50 16.84 -18.26 0.53
N VAL B 51 17.43 -18.51 1.69
CA VAL B 51 18.71 -17.96 2.12
C VAL B 51 19.91 -18.21 1.20
N ARG B 52 20.09 -19.43 0.71
CA ARG B 52 21.14 -19.69 -0.25
C ARG B 52 20.93 -19.01 -1.59
N ALA B 53 19.70 -19.01 -2.09
CA ALA B 53 19.32 -18.19 -3.27
C ALA B 53 19.70 -16.73 -3.00
N ALA B 54 19.26 -16.14 -1.90
CA ALA B 54 19.58 -14.74 -1.59
C ALA B 54 21.08 -14.49 -1.44
N LYS B 55 21.78 -15.39 -0.74
CA LYS B 55 23.23 -15.33 -0.57
C LYS B 55 24.06 -15.37 -1.87
N ARG B 56 23.53 -15.98 -2.92
CA ARG B 56 24.22 -16.08 -4.20
C ARG B 56 24.42 -14.74 -4.90
N VAL B 57 23.58 -13.76 -4.61
CA VAL B 57 23.59 -12.51 -5.40
C VAL B 57 24.87 -11.74 -5.02
N PRO B 58 25.76 -11.46 -6.00
CA PRO B 58 27.01 -10.77 -5.65
C PRO B 58 26.77 -9.45 -4.88
N GLY B 59 27.50 -9.29 -3.79
CA GLY B 59 27.33 -8.11 -2.94
C GLY B 59 26.12 -8.10 -2.03
N SER B 60 25.50 -9.26 -1.84
CA SER B 60 24.24 -9.35 -1.08
C SER B 60 24.56 -9.18 0.40
N VAL B 61 23.64 -8.52 1.12
CA VAL B 61 23.46 -8.76 2.56
C VAL B 61 22.03 -9.33 2.68
N VAL B 62 21.91 -10.41 3.43
CA VAL B 62 20.68 -11.11 3.57
C VAL B 62 20.01 -10.66 4.86
N VAL B 63 18.77 -10.20 4.77
CA VAL B 63 17.88 -9.99 5.88
C VAL B 63 16.85 -11.13 5.96
N VAL B 64 16.80 -11.81 7.10
CA VAL B 64 15.73 -12.75 7.34
C VAL B 64 14.74 -12.21 8.37
N SER B 65 13.47 -12.06 8.01
CA SER B 65 12.62 -11.58 9.01
C SER B 65 11.93 -12.78 9.64
N ILE B 66 11.56 -12.62 10.89
CA ILE B 66 10.91 -13.69 11.61
C ILE B 66 9.83 -12.96 12.34
N PHE B 67 8.60 -13.21 11.91
CA PHE B 67 7.48 -12.54 12.47
C PHE B 67 6.25 -13.38 12.24
N VAL B 68 5.58 -13.68 13.35
CA VAL B 68 4.37 -14.49 13.33
C VAL B 68 3.22 -13.53 13.18
N ASN B 69 2.63 -13.55 11.98
CA ASN B 69 1.57 -12.59 11.57
C ASN B 69 0.24 -12.94 12.25
N PRO B 70 -0.27 -12.07 13.16
CA PRO B 70 -1.39 -12.49 14.01
C PRO B 70 -2.73 -12.39 13.26
N PRO B 86 13.85 -20.48 17.83
CA PRO B 86 14.12 -19.10 18.26
C PRO B 86 15.60 -18.87 18.51
N ASP B 87 16.11 -19.49 19.58
CA ASP B 87 17.55 -19.60 19.82
C ASP B 87 18.14 -20.44 18.69
N ASP B 88 17.39 -21.49 18.34
CA ASP B 88 17.71 -22.40 17.25
C ASP B 88 17.69 -21.76 15.86
N ASP B 89 16.64 -20.99 15.59
CA ASP B 89 16.48 -20.30 14.31
C ASP B 89 17.70 -19.43 14.05
N LEU B 90 18.05 -18.61 15.04
CA LEU B 90 19.24 -17.71 14.96
C LEU B 90 20.55 -18.46 14.74
N ALA B 91 20.68 -19.57 15.46
CA ALA B 91 21.76 -20.49 15.24
C ALA B 91 21.77 -21.04 13.80
N GLN B 92 20.61 -21.41 13.25
CA GLN B 92 20.60 -21.83 11.84
C GLN B 92 21.07 -20.69 10.88
N LEU B 93 20.65 -19.47 11.16
CA LEU B 93 20.96 -18.33 10.28
C LEU B 93 22.47 -18.00 10.34
N ARG B 94 23.00 -18.00 11.57
CA ARG B 94 24.44 -17.85 11.82
C ARG B 94 25.21 -18.92 11.05
N ALA B 95 24.83 -20.19 11.21
CA ALA B 95 25.45 -21.24 10.40
C ALA B 95 25.32 -21.03 8.87
N GLU B 96 24.34 -20.25 8.40
CA GLU B 96 24.26 -19.95 6.96
C GLU B 96 25.00 -18.69 6.54
N GLY B 97 25.55 -17.98 7.50
CA GLY B 97 26.22 -16.70 7.27
C GLY B 97 25.32 -15.54 6.86
N VAL B 98 24.12 -15.50 7.43
CA VAL B 98 23.15 -14.46 7.29
C VAL B 98 23.56 -13.28 8.18
N GLU B 99 23.54 -12.06 7.69
CA GLU B 99 24.03 -11.00 8.54
C GLU B 99 22.99 -10.29 9.39
N ILE B 100 21.74 -10.31 8.96
CA ILE B 100 20.69 -9.64 9.71
C ILE B 100 19.51 -10.57 9.96
N ALA B 101 19.01 -10.60 11.21
CA ALA B 101 17.73 -11.20 11.54
C ALA B 101 16.84 -10.08 12.08
N PHE B 102 15.67 -9.87 11.45
CA PHE B 102 14.67 -8.89 11.90
C PHE B 102 13.54 -9.61 12.64
N THR B 103 13.43 -9.33 13.94
CA THR B 103 12.55 -10.08 14.80
C THR B 103 11.68 -9.13 15.62
N PRO B 104 10.68 -8.45 15.00
CA PRO B 104 9.87 -7.46 15.73
C PRO B 104 8.74 -8.10 16.50
N THR B 105 8.19 -7.34 17.47
CA THR B 105 7.03 -7.76 18.23
C THR B 105 5.81 -7.40 17.41
N THR B 106 4.66 -8.02 17.73
CA THR B 106 3.36 -7.60 17.23
C THR B 106 3.11 -6.09 17.46
N ALA B 107 3.37 -5.61 18.68
CA ALA B 107 3.17 -4.18 18.97
C ALA B 107 4.05 -3.26 18.11
N ALA B 108 5.27 -3.69 17.78
CA ALA B 108 6.16 -2.86 16.96
C ALA B 108 5.64 -2.79 15.50
N MET B 109 5.05 -3.89 15.05
CA MET B 109 4.53 -3.95 13.71
C MET B 109 3.19 -3.24 13.57
N TYR B 110 2.40 -3.27 14.64
CA TYR B 110 1.07 -2.74 14.67
C TYR B 110 0.82 -1.81 15.91
N PRO B 111 1.63 -0.74 16.04
CA PRO B 111 1.54 0.23 17.17
C PRO B 111 0.18 0.92 17.24
N ASP B 112 -0.51 1.00 16.09
CA ASP B 112 -1.87 1.59 16.08
C ASP B 112 -2.96 0.55 15.89
N GLY B 113 -2.62 -0.69 16.22
CA GLY B 113 -3.51 -1.82 15.97
C GLY B 113 -3.78 -2.00 14.49
N LEU B 114 -4.87 -2.70 14.18
CA LEU B 114 -5.30 -2.88 12.80
C LEU B 114 -6.05 -1.63 12.29
N ARG B 115 -5.57 -1.03 11.22
CA ARG B 115 -6.20 0.20 10.72
C ARG B 115 -6.17 0.19 9.21
N THR B 116 -5.18 0.84 8.57
CA THR B 116 -5.08 0.73 7.13
C THR B 116 -4.61 -0.68 6.73
N THR B 117 -5.26 -1.25 5.72
CA THR B 117 -4.85 -2.61 5.28
C THR B 117 -4.87 -2.74 3.75
N VAL B 118 -4.26 -3.83 3.25
CA VAL B 118 -4.32 -4.16 1.84
C VAL B 118 -5.53 -5.04 1.51
N GLN B 119 -6.31 -4.66 0.48
CA GLN B 119 -7.42 -5.47 -0.01
C GLN B 119 -6.87 -6.10 -1.30
N PRO B 120 -6.69 -7.43 -1.30
CA PRO B 120 -6.17 -8.16 -2.45
C PRO B 120 -7.17 -8.03 -3.59
N GLY B 121 -6.75 -8.25 -4.81
CA GLY B 121 -7.75 -8.37 -5.89
C GLY B 121 -8.55 -9.66 -5.79
N PRO B 122 -9.53 -9.84 -6.69
CA PRO B 122 -10.48 -11.00 -6.79
C PRO B 122 -9.83 -12.41 -6.66
N LEU B 123 -8.60 -12.59 -7.16
CA LEU B 123 -7.89 -13.84 -6.98
C LEU B 123 -7.88 -14.33 -5.50
N ALA B 124 -7.84 -13.41 -4.52
CA ALA B 124 -7.87 -13.80 -3.11
C ALA B 124 -9.15 -14.53 -2.67
N ALA B 125 -10.21 -14.46 -3.46
CA ALA B 125 -11.46 -15.05 -3.04
C ALA B 125 -11.60 -16.48 -3.59
N GLU B 126 -10.68 -16.86 -4.48
CA GLU B 126 -10.65 -18.15 -5.16
C GLU B 126 -9.75 -19.14 -4.40
N LEU B 127 -9.84 -20.43 -4.76
CA LEU B 127 -8.88 -21.45 -4.27
C LEU B 127 -8.71 -21.46 -2.74
N GLU B 128 -7.57 -20.99 -2.22
CA GLU B 128 -7.37 -20.99 -0.75
C GLU B 128 -8.17 -19.94 -0.01
N GLY B 129 -8.66 -18.94 -0.76
CA GLY B 129 -9.47 -17.87 -0.18
C GLY B 129 -10.91 -18.31 -0.02
N GLY B 130 -11.20 -19.51 -0.51
CA GLY B 130 -12.49 -20.18 -0.28
C GLY B 130 -12.75 -20.56 1.19
N PRO B 131 -11.90 -21.47 1.78
CA PRO B 131 -11.81 -21.71 3.25
C PRO B 131 -11.25 -20.58 4.14
N ARG B 132 -10.40 -19.68 3.59
CA ARG B 132 -9.84 -18.54 4.36
C ARG B 132 -9.87 -17.23 3.55
N PRO B 133 -10.98 -16.48 3.68
CA PRO B 133 -11.26 -15.36 2.78
C PRO B 133 -10.54 -14.04 3.14
N THR B 134 -10.00 -13.96 4.35
CA THR B 134 -9.26 -12.77 4.77
C THR B 134 -7.79 -13.07 5.04
N HIS B 135 -7.37 -14.30 4.63
CA HIS B 135 -6.01 -14.79 4.86
C HIS B 135 -5.03 -13.91 4.09
N PHE B 136 -5.31 -13.75 2.81
CA PHE B 136 -4.43 -13.07 1.95
C PHE B 136 -4.37 -11.57 2.24
N ALA B 137 -5.47 -10.94 2.71
CA ALA B 137 -5.44 -9.53 3.12
C ALA B 137 -4.37 -9.34 4.21
N GLY B 138 -4.37 -10.25 5.19
CA GLY B 138 -3.37 -10.29 6.27
C GLY B 138 -1.97 -10.45 5.73
N VAL B 139 -1.78 -11.46 4.89
CA VAL B 139 -0.48 -11.73 4.31
C VAL B 139 0.07 -10.52 3.51
N LEU B 140 -0.73 -9.95 2.62
CA LEU B 140 -0.26 -8.84 1.77
C LEU B 140 -0.01 -7.60 2.61
N THR B 141 -0.72 -7.46 3.72
CA THR B 141 -0.52 -6.30 4.61
C THR B 141 0.81 -6.36 5.28
N VAL B 142 1.13 -7.50 5.90
CA VAL B 142 2.41 -7.66 6.50
C VAL B 142 3.57 -7.71 5.50
N VAL B 143 3.43 -8.39 4.36
CA VAL B 143 4.47 -8.33 3.33
C VAL B 143 4.70 -6.87 2.93
N LEU B 144 3.64 -6.09 2.71
CA LEU B 144 3.86 -4.69 2.25
C LEU B 144 4.66 -3.97 3.32
N LYS B 145 4.28 -4.14 4.57
CA LYS B 145 5.05 -3.47 5.64
C LYS B 145 6.53 -3.86 5.71
N LEU B 146 6.80 -5.15 5.62
CA LEU B 146 8.18 -5.63 5.69
C LEU B 146 8.98 -5.04 4.54
N LEU B 147 8.37 -4.99 3.35
CA LEU B 147 9.00 -4.36 2.16
C LEU B 147 9.33 -2.89 2.38
N GLN B 148 8.47 -2.19 3.07
CA GLN B 148 8.69 -0.76 3.32
C GLN B 148 9.70 -0.55 4.44
N ILE B 149 9.71 -1.43 5.47
CA ILE B 149 10.68 -1.37 6.57
C ILE B 149 12.09 -1.63 6.04
N VAL B 150 12.26 -2.74 5.32
CA VAL B 150 13.60 -3.19 4.95
C VAL B 150 14.02 -2.62 3.58
N ARG B 151 13.06 -2.24 2.72
CA ARG B 151 13.38 -1.85 1.32
C ARG B 151 14.45 -2.70 0.63
N PRO B 152 14.11 -3.97 0.41
CA PRO B 152 15.08 -4.83 -0.21
C PRO B 152 15.15 -4.61 -1.72
N ASP B 153 16.26 -5.03 -2.32
CA ASP B 153 16.33 -5.10 -3.78
C ASP B 153 15.57 -6.33 -4.30
N ARG B 154 15.66 -7.44 -3.58
CA ARG B 154 14.92 -8.63 -3.95
C ARG B 154 14.29 -9.23 -2.70
N VAL B 155 13.14 -9.85 -2.90
CA VAL B 155 12.40 -10.58 -1.83
C VAL B 155 12.13 -12.02 -2.25
N PHE B 156 12.38 -12.99 -1.37
CA PHE B 156 12.43 -14.40 -1.80
C PHE B 156 11.31 -15.15 -1.07
N PHE B 157 10.53 -15.89 -1.85
CA PHE B 157 9.42 -16.72 -1.37
C PHE B 157 9.53 -18.06 -2.07
N GLY B 158 9.07 -19.11 -1.39
CA GLY B 158 9.04 -20.45 -1.92
C GLY B 158 7.86 -20.55 -2.87
N GLU B 159 7.91 -21.49 -3.79
CA GLU B 159 6.82 -21.62 -4.78
C GLU B 159 5.66 -22.45 -4.25
N LYS B 160 5.82 -23.06 -3.06
CA LYS B 160 4.75 -23.97 -2.52
C LYS B 160 3.48 -23.26 -2.36
N ASP B 161 3.53 -22.06 -1.80
CA ASP B 161 2.30 -21.31 -1.67
C ASP B 161 2.18 -20.45 -2.92
N TYR B 162 1.71 -21.07 -3.99
CA TYR B 162 1.72 -20.44 -5.29
C TYR B 162 0.78 -19.24 -5.44
N GLN B 163 -0.45 -19.39 -4.96
CA GLN B 163 -1.46 -18.40 -5.04
C GLN B 163 -1.05 -17.10 -4.27
N GLN B 164 -0.41 -17.29 -3.13
CA GLN B 164 0.16 -16.28 -2.29
C GLN B 164 1.29 -15.58 -3.01
N LEU B 165 2.21 -16.35 -3.59
CA LEU B 165 3.25 -15.74 -4.38
C LEU B 165 2.67 -14.88 -5.54
N VAL B 166 1.69 -15.42 -6.29
CA VAL B 166 1.04 -14.61 -7.38
C VAL B 166 0.34 -13.32 -6.84
N LEU B 167 -0.37 -13.45 -5.71
CA LEU B 167 -0.96 -12.27 -5.09
C LEU B 167 0.13 -11.22 -4.63
N ILE B 168 1.29 -11.70 -4.15
CA ILE B 168 2.42 -10.79 -3.85
C ILE B 168 2.97 -10.08 -5.11
N ARG B 169 3.06 -10.80 -6.26
CA ARG B 169 3.47 -10.15 -7.51
CA ARG B 169 3.50 -10.15 -7.48
C ARG B 169 2.45 -9.11 -7.91
N GLN B 170 1.16 -9.40 -7.72
CA GLN B 170 0.12 -8.44 -8.00
C GLN B 170 0.25 -7.21 -7.07
N LEU B 171 0.42 -7.44 -5.77
CA LEU B 171 0.74 -6.35 -4.82
C LEU B 171 1.85 -5.40 -5.36
N VAL B 172 3.01 -5.99 -5.65
CA VAL B 172 4.21 -5.33 -6.18
C VAL B 172 3.86 -4.55 -7.44
N ALA B 173 3.10 -5.20 -8.34
CA ALA B 173 2.74 -4.58 -9.63
C ALA B 173 1.74 -3.43 -9.43
N ASP B 174 0.66 -3.73 -8.69
CA ASP B 174 -0.39 -2.77 -8.44
C ASP B 174 0.01 -1.50 -7.67
N PHE B 175 0.92 -1.62 -6.70
CA PHE B 175 1.30 -0.47 -5.87
C PHE B 175 2.65 0.07 -6.32
N ASN B 176 3.12 -0.40 -7.48
CA ASN B 176 4.34 0.15 -8.08
C ASN B 176 5.56 0.00 -7.19
N LEU B 177 5.63 -1.13 -6.46
CA LEU B 177 6.77 -1.33 -5.52
C LEU B 177 8.06 -1.59 -6.30
N ASP B 178 9.20 -1.14 -5.80
CA ASP B 178 10.45 -1.30 -6.57
C ASP B 178 11.28 -2.43 -5.91
N VAL B 179 10.91 -3.65 -6.21
CA VAL B 179 11.46 -4.81 -5.58
C VAL B 179 11.22 -5.90 -6.57
N ALA B 180 12.21 -6.77 -6.73
CA ALA B 180 12.02 -7.96 -7.55
C ALA B 180 11.58 -9.09 -6.64
N VAL B 181 10.55 -9.76 -7.07
CA VAL B 181 10.03 -10.91 -6.39
C VAL B 181 10.66 -12.15 -7.04
N VAL B 182 11.34 -12.95 -6.21
CA VAL B 182 12.00 -14.18 -6.67
C VAL B 182 11.28 -15.39 -5.99
N GLY B 183 10.61 -16.20 -6.79
CA GLY B 183 10.06 -17.48 -6.33
C GLY B 183 11.07 -18.60 -6.54
N VAL B 184 11.31 -19.32 -5.45
CA VAL B 184 12.37 -20.34 -5.34
C VAL B 184 11.70 -21.73 -5.35
N PRO B 185 12.16 -22.63 -6.24
CA PRO B 185 11.55 -23.97 -6.32
C PRO B 185 11.32 -24.57 -4.93
N THR B 186 10.16 -25.18 -4.75
CA THR B 186 9.82 -25.83 -3.50
C THR B 186 10.77 -26.98 -3.21
N VAL B 187 11.32 -26.93 -1.98
CA VAL B 187 12.17 -27.97 -1.48
C VAL B 187 11.20 -29.10 -1.03
N ARG B 188 11.57 -30.33 -1.37
CA ARG B 188 10.73 -31.49 -1.10
C ARG B 188 11.48 -32.59 -0.33
N GLU B 189 10.74 -33.47 0.33
CA GLU B 189 11.34 -34.63 0.96
C GLU B 189 11.80 -35.60 -0.15
N ALA B 190 12.58 -36.60 0.26
CA ALA B 190 13.07 -37.67 -0.61
C ALA B 190 12.00 -38.26 -1.52
N ASP B 191 10.76 -38.37 -1.06
CA ASP B 191 9.69 -38.98 -1.87
C ASP B 191 8.82 -37.98 -2.67
N GLY B 192 9.17 -36.68 -2.61
CA GLY B 192 8.44 -35.62 -3.32
C GLY B 192 7.53 -34.75 -2.45
N LEU B 193 7.23 -35.18 -1.24
CA LEU B 193 6.35 -34.39 -0.43
C LEU B 193 6.90 -32.96 -0.18
N ALA B 194 6.08 -31.96 -0.50
CA ALA B 194 6.52 -30.59 -0.39
C ALA B 194 6.76 -30.32 1.12
N MET B 195 7.95 -29.80 1.37
CA MET B 195 8.33 -29.27 2.69
C MET B 195 7.23 -28.42 3.26
N SER B 196 6.83 -28.76 4.48
CA SER B 196 5.82 -28.01 5.16
C SER B 196 5.96 -28.22 6.68
N SER B 197 5.59 -27.20 7.44
CA SER B 197 5.71 -27.33 8.89
C SER B 197 4.58 -28.23 9.37
N ARG B 198 3.55 -28.42 8.55
CA ARG B 198 2.46 -29.37 8.90
C ARG B 198 2.83 -30.87 8.77
N ASN B 199 3.87 -31.19 8.02
CA ASN B 199 4.24 -32.59 7.74
C ASN B 199 4.62 -33.44 8.99
N ARG B 200 5.16 -32.77 10.03
CA ARG B 200 5.62 -33.50 11.23
C ARG B 200 4.46 -34.12 12.03
N TYR B 201 3.27 -33.57 11.84
CA TYR B 201 2.07 -34.01 12.51
C TYR B 201 1.37 -35.24 11.87
N LEU B 202 1.70 -35.57 10.62
CA LEU B 202 1.10 -36.76 9.96
C LEU B 202 1.53 -38.04 10.63
N ASP B 203 0.58 -38.90 11.01
CA ASP B 203 0.93 -40.28 11.40
C ASP B 203 1.54 -41.05 10.21
N PRO B 204 2.19 -42.19 10.46
CA PRO B 204 2.85 -42.82 9.30
C PRO B 204 1.95 -43.18 8.08
N ALA B 205 0.66 -43.45 8.31
CA ALA B 205 -0.30 -43.80 7.25
C ALA B 205 -0.74 -42.56 6.44
N GLN B 206 -0.98 -41.44 7.17
CA GLN B 206 -1.17 -40.10 6.56
C GLN B 206 0.05 -39.63 5.79
N ARG B 207 1.23 -39.93 6.30
CA ARG B 207 2.48 -39.47 5.70
C ARG B 207 2.72 -40.29 4.44
N ALA B 208 2.36 -41.58 4.48
CA ALA B 208 2.52 -42.40 3.27
C ALA B 208 1.50 -41.97 2.18
N ALA B 209 0.32 -41.55 2.59
CA ALA B 209 -0.78 -41.17 1.68
C ALA B 209 -0.56 -39.76 1.06
N ALA B 210 0.14 -38.89 1.79
CA ALA B 210 0.42 -37.47 1.42
C ALA B 210 1.28 -37.38 0.15
N VAL B 211 2.05 -38.43 -0.07
N VAL B 211 2.03 -38.45 -0.07
CA VAL B 211 2.91 -38.50 -1.24
CA VAL B 211 2.90 -38.60 -1.23
C VAL B 211 2.06 -38.42 -2.53
C VAL B 211 2.09 -38.52 -2.53
N ALA B 212 0.78 -38.80 -2.46
CA ALA B 212 -0.14 -38.75 -3.63
C ALA B 212 -0.27 -37.34 -4.24
N LEU B 213 -0.11 -36.28 -3.43
CA LEU B 213 -0.22 -34.92 -3.97
C LEU B 213 0.87 -34.63 -5.02
N SER B 214 2.12 -34.82 -4.66
CA SER B 214 3.19 -34.54 -5.56
C SER B 214 3.26 -35.60 -6.64
N ALA B 215 2.94 -36.86 -6.31
CA ALA B 215 2.90 -37.96 -7.33
C ALA B 215 1.86 -37.65 -8.44
N ALA B 216 0.74 -37.09 -8.02
CA ALA B 216 -0.38 -36.70 -8.95
C ALA B 216 0.05 -35.58 -9.90
N LEU B 217 0.70 -34.60 -9.33
CA LEU B 217 1.20 -33.40 -10.07
C LEU B 217 2.32 -33.76 -11.01
N THR B 218 3.26 -34.58 -10.57
CA THR B 218 4.39 -34.94 -11.47
C THR B 218 3.85 -35.89 -12.58
N ALA B 219 2.81 -36.69 -12.28
CA ALA B 219 2.17 -37.57 -13.28
C ALA B 219 1.51 -36.65 -14.31
N ALA B 220 0.70 -35.69 -13.81
CA ALA B 220 0.08 -34.67 -14.67
C ALA B 220 1.09 -33.99 -15.57
N ALA B 221 2.21 -33.51 -15.01
CA ALA B 221 3.17 -32.74 -15.82
C ALA B 221 3.73 -33.57 -16.99
N HIS B 222 3.93 -34.87 -16.76
CA HIS B 222 4.38 -35.77 -17.82
C HIS B 222 3.29 -36.22 -18.76
N ALA B 223 2.08 -36.45 -18.23
CA ALA B 223 0.89 -36.75 -19.06
C ALA B 223 0.53 -35.58 -20.01
N ALA B 224 0.95 -34.37 -19.62
CA ALA B 224 0.49 -33.16 -20.36
C ALA B 224 0.91 -33.12 -21.85
N THR B 225 1.86 -33.95 -22.26
CA THR B 225 2.13 -34.10 -23.71
C THR B 225 0.89 -34.56 -24.48
N ALA B 226 0.00 -35.26 -23.76
CA ALA B 226 -1.23 -35.77 -24.30
C ALA B 226 -2.44 -34.76 -24.15
N GLY B 227 -2.16 -33.54 -23.65
CA GLY B 227 -3.17 -32.52 -23.43
C GLY B 227 -3.62 -32.32 -21.96
N ALA B 228 -4.46 -31.30 -21.82
CA ALA B 228 -4.96 -30.83 -20.54
C ALA B 228 -5.84 -31.84 -19.84
N GLN B 229 -6.78 -32.43 -20.55
CA GLN B 229 -7.66 -33.44 -19.95
C GLN B 229 -6.89 -34.68 -19.45
N ALA B 230 -5.91 -35.15 -20.22
CA ALA B 230 -5.07 -36.30 -19.84
C ALA B 230 -4.21 -35.94 -18.61
N ALA B 231 -3.70 -34.72 -18.57
CA ALA B 231 -2.93 -34.21 -17.40
C ALA B 231 -3.81 -34.29 -16.16
N LEU B 232 -5.04 -33.76 -16.27
CA LEU B 232 -5.99 -33.73 -15.12
C LEU B 232 -6.50 -35.10 -14.76
N ASP B 233 -6.74 -35.98 -15.76
CA ASP B 233 -7.24 -37.30 -15.47
C ASP B 233 -6.15 -38.09 -14.80
N ALA B 234 -4.88 -37.89 -15.20
CA ALA B 234 -3.74 -38.56 -14.61
C ALA B 234 -3.58 -38.18 -13.10
N ALA B 235 -3.54 -36.89 -12.82
CA ALA B 235 -3.58 -36.40 -11.44
C ALA B 235 -4.72 -36.95 -10.60
N ARG B 236 -5.93 -36.83 -11.12
CA ARG B 236 -7.08 -37.33 -10.40
C ARG B 236 -7.04 -38.85 -10.07
N ALA B 237 -6.54 -39.65 -11.03
CA ALA B 237 -6.37 -41.09 -10.83
C ALA B 237 -5.43 -41.35 -9.67
N VAL B 238 -4.27 -40.69 -9.67
CA VAL B 238 -3.32 -40.80 -8.59
C VAL B 238 -3.93 -40.42 -7.21
N LEU B 239 -4.59 -39.27 -7.11
CA LEU B 239 -5.35 -38.90 -5.90
C LEU B 239 -6.43 -39.94 -5.51
N ASP B 240 -7.20 -40.46 -6.47
CA ASP B 240 -8.21 -41.54 -6.25
C ASP B 240 -7.67 -42.86 -5.68
N ALA B 241 -6.40 -43.12 -5.90
CA ALA B 241 -5.68 -44.30 -5.37
C ALA B 241 -5.16 -44.16 -3.93
N ALA B 242 -5.32 -42.99 -3.31
CA ALA B 242 -4.85 -42.74 -1.93
C ALA B 242 -6.02 -42.79 -0.92
N PRO B 243 -5.86 -43.53 0.21
CA PRO B 243 -6.95 -43.48 1.17
C PRO B 243 -6.83 -42.25 2.11
N GLY B 244 -7.97 -41.74 2.57
CA GLY B 244 -7.98 -40.66 3.58
C GLY B 244 -7.48 -39.32 3.02
N VAL B 245 -7.59 -39.11 1.70
CA VAL B 245 -7.09 -37.87 1.08
C VAL B 245 -8.28 -37.17 0.50
N ALA B 246 -8.74 -36.13 1.19
CA ALA B 246 -9.97 -35.47 0.81
C ALA B 246 -9.60 -34.24 -0.01
N VAL B 247 -9.83 -34.32 -1.32
CA VAL B 247 -9.37 -33.28 -2.23
C VAL B 247 -10.33 -32.10 -2.21
N ASP B 248 -9.78 -30.93 -1.85
CA ASP B 248 -10.57 -29.71 -1.85
C ASP B 248 -10.63 -29.11 -3.27
N TYR B 249 -9.48 -28.97 -3.96
CA TYR B 249 -9.58 -28.64 -5.38
C TYR B 249 -8.41 -29.24 -6.13
N LEU B 250 -8.58 -29.36 -7.42
CA LEU B 250 -7.48 -29.76 -8.29
C LEU B 250 -7.67 -28.89 -9.53
N GLU B 251 -6.78 -27.95 -9.79
CA GLU B 251 -7.08 -26.92 -10.80
C GLU B 251 -5.90 -26.52 -11.67
N LEU B 252 -6.13 -26.57 -12.98
CA LEU B 252 -5.11 -26.17 -13.91
C LEU B 252 -5.44 -24.71 -14.32
N ARG B 253 -4.48 -23.84 -14.18
CA ARG B 253 -4.71 -22.44 -14.46
C ARG B 253 -3.52 -21.95 -15.28
N ASP B 254 -3.61 -20.73 -15.83
CA ASP B 254 -2.38 -20.11 -16.39
C ASP B 254 -1.43 -19.74 -15.27
N ILE B 255 -0.20 -19.41 -15.61
CA ILE B 255 0.79 -19.11 -14.59
C ILE B 255 0.41 -17.93 -13.66
N GLY B 256 -0.55 -17.10 -14.06
CA GLY B 256 -0.96 -15.92 -13.31
C GLY B 256 -2.21 -16.28 -12.53
N LEU B 257 -2.64 -17.53 -12.68
CA LEU B 257 -3.85 -18.07 -12.07
C LEU B 257 -5.18 -17.63 -12.70
N GLY B 258 -5.10 -17.07 -13.90
CA GLY B 258 -6.31 -16.91 -14.69
C GLY B 258 -6.64 -18.24 -15.39
N PRO B 259 -7.59 -18.24 -16.35
CA PRO B 259 -7.99 -19.45 -17.08
C PRO B 259 -6.82 -20.08 -17.83
N MET B 260 -6.74 -21.40 -17.77
CA MET B 260 -5.71 -22.10 -18.52
C MET B 260 -5.97 -21.87 -20.00
N PRO B 261 -4.99 -21.29 -20.74
CA PRO B 261 -5.15 -21.11 -22.18
C PRO B 261 -5.17 -22.48 -22.91
N LEU B 262 -5.72 -22.49 -24.14
CA LEU B 262 -5.79 -23.70 -24.99
C LEU B 262 -4.54 -24.59 -24.85
N ASN B 263 -3.42 -24.02 -25.26
CA ASN B 263 -2.11 -24.64 -25.18
C ASN B 263 -1.22 -23.63 -24.49
N GLY B 264 -0.12 -24.06 -23.90
CA GLY B 264 0.85 -23.10 -23.32
C GLY B 264 1.29 -23.46 -21.90
N SER B 265 2.02 -22.54 -21.29
CA SER B 265 2.45 -22.67 -19.90
C SER B 265 1.31 -22.56 -18.90
N GLY B 266 1.37 -23.39 -17.87
CA GLY B 266 0.40 -23.32 -16.81
C GLY B 266 0.91 -23.75 -15.46
N ARG B 267 -0.01 -23.88 -14.53
CA ARG B 267 0.31 -24.31 -13.20
C ARG B 267 -0.82 -25.19 -12.79
N LEU B 268 -0.51 -26.33 -12.19
CA LEU B 268 -1.52 -27.23 -11.64
C LEU B 268 -1.50 -27.15 -10.12
N LEU B 269 -2.62 -26.81 -9.48
CA LEU B 269 -2.64 -26.65 -7.99
C LEU B 269 -3.54 -27.71 -7.40
N VAL B 270 -3.18 -28.26 -6.25
CA VAL B 270 -4.08 -29.16 -5.53
C VAL B 270 -4.07 -28.79 -4.02
N ALA B 271 -5.19 -28.98 -3.33
CA ALA B 271 -5.19 -28.91 -1.89
C ALA B 271 -6.04 -30.04 -1.35
N ALA B 272 -5.64 -30.60 -0.22
CA ALA B 272 -6.37 -31.74 0.29
C ALA B 272 -6.25 -31.77 1.82
N ARG B 273 -7.28 -32.34 2.47
CA ARG B 273 -7.31 -32.60 3.91
C ARG B 273 -6.94 -34.07 4.17
N LEU B 274 -5.98 -34.27 5.07
CA LEU B 274 -5.62 -35.59 5.58
C LEU B 274 -5.84 -35.58 7.08
N GLY B 275 -6.96 -36.17 7.51
CA GLY B 275 -7.40 -36.09 8.90
C GLY B 275 -7.62 -34.63 9.22
N THR B 276 -6.73 -34.08 10.04
CA THR B 276 -6.88 -32.67 10.47
C THR B 276 -5.91 -31.72 9.74
N THR B 277 -5.07 -32.27 8.87
CA THR B 277 -3.99 -31.51 8.23
C THR B 277 -4.37 -31.13 6.77
N ARG B 278 -4.30 -29.84 6.47
CA ARG B 278 -4.51 -29.38 5.12
C ARG B 278 -3.14 -29.28 4.44
N LEU B 279 -3.01 -29.95 3.29
CA LEU B 279 -1.76 -29.94 2.53
C LEU B 279 -1.96 -29.30 1.16
N LEU B 280 -0.93 -28.63 0.62
CA LEU B 280 -1.04 -27.93 -0.67
C LEU B 280 0.13 -28.36 -1.49
N ASP B 281 -0.04 -28.36 -2.80
CA ASP B 281 1.11 -28.53 -3.65
C ASP B 281 0.76 -27.96 -5.03
N ASN B 282 1.78 -27.67 -5.84
CA ASN B 282 1.52 -27.17 -7.17
C ASN B 282 2.69 -27.47 -8.07
N ILE B 283 2.46 -27.44 -9.38
CA ILE B 283 3.56 -27.71 -10.30
C ILE B 283 3.41 -26.95 -11.62
N ALA B 284 4.54 -26.60 -12.23
CA ALA B 284 4.57 -26.09 -13.63
C ALA B 284 4.07 -27.16 -14.55
N ILE B 285 3.23 -26.77 -15.50
CA ILE B 285 2.68 -27.66 -16.49
C ILE B 285 2.85 -26.99 -17.87
N GLU B 286 3.11 -27.78 -18.91
CA GLU B 286 3.27 -27.25 -20.27
C GLU B 286 2.34 -28.09 -21.12
N ILE B 287 1.42 -27.47 -21.83
CA ILE B 287 0.40 -28.28 -22.52
C ILE B 287 0.80 -28.73 -23.91
N GLY B 288 0.99 -30.05 -24.04
CA GLY B 288 1.24 -30.68 -25.33
C GLY B 288 2.69 -30.56 -25.76
C1 EOH C . -10.61 -4.28 -4.61
C2 EOH C . -9.20 -4.74 -4.19
O EOH C . -11.13 -5.06 -5.69
C1 EOH D . -9.42 -5.86 -16.45
C2 EOH D . -10.17 -5.20 -17.62
O EOH D . -10.29 -6.64 -15.70
C1 EOH E . -13.61 36.09 10.49
C2 EOH E . -12.94 37.33 9.89
O EOH E . -14.67 35.48 9.70
C1 EOH F . 10.23 1.96 9.49
C2 EOH F . 10.49 2.38 8.03
O EOH F . 8.96 2.39 9.90
O 2DQ G . -9.09 22.47 -4.58
C 2DQ G . -9.70 22.18 -3.56
OXT 2DQ G . -10.86 21.82 -3.50
CA 2DQ G . -9.00 22.33 -2.25
N 2DQ G . -7.52 22.25 -2.29
CBA 2DQ G . -6.85 23.17 -1.58
CAM 2DQ G . -7.31 24.22 -0.87
CAL 2DQ G . -6.44 25.08 -0.18
CAW 2DQ G . -5.08 24.83 -0.28
OAS 2DQ G . -4.26 25.69 0.38
CAB 2DQ G . -2.99 25.17 0.60
CAN 2DQ G . -4.65 23.71 -1.07
CAZ 2DQ G . -5.55 22.91 -1.70
CAO 2DQ G . -5.44 21.80 -2.50
CAY 2DQ G . -6.66 21.41 -2.88
CAU 2DQ G . -6.98 20.31 -3.65
OAD 2DQ G . -7.93 19.59 -3.39
NAQ 2DQ G . -6.21 20.06 -4.70
SBC 2DQ G . -6.46 18.71 -5.70
OAE 2DQ G . -5.65 18.94 -6.92
OAF 2DQ G . -7.85 18.47 -6.22
CAX 2DQ G . -5.99 17.27 -4.85
CAJ 2DQ G . -4.77 17.21 -4.18
CAH 2DQ G . -4.39 16.03 -3.51
CAV 2DQ G . -5.25 14.91 -3.52
OAR 2DQ G . -4.89 13.77 -2.85
CAA 2DQ G . -5.47 12.54 -3.39
CAI 2DQ G . -6.48 15.00 -4.19
CAK 2DQ G . -6.86 16.17 -4.86
C1 EDO H . -3.66 -0.92 -9.74
O1 EDO H . -2.77 0.18 -9.85
C2 EDO H . -4.48 -0.76 -8.47
O2 EDO H . -5.35 -1.90 -8.34
C1 EDO I . 5.71 -12.58 7.17
O1 EDO I . 5.67 -12.15 8.54
C2 EDO I . 5.00 -13.92 7.08
O2 EDO I . 3.68 -13.81 7.65
O 2DQ J . 4.60 -24.56 5.38
C 2DQ J . 5.78 -24.25 5.08
OXT 2DQ J . 6.71 -24.07 5.89
CA 2DQ J . 6.15 -24.12 3.62
N 2DQ J . 7.34 -23.22 3.29
CBA 2DQ J . 8.22 -23.58 2.31
CAM 2DQ J . 8.32 -24.70 1.60
CAL 2DQ J . 9.33 -24.90 0.67
CAW 2DQ J . 10.26 -23.90 0.46
OAS 2DQ J . 11.22 -24.12 -0.49
CAB 2DQ J . 12.14 -23.11 -0.88
CAN 2DQ J . 10.13 -22.75 1.24
CAZ 2DQ J . 9.14 -22.59 2.15
CAO 2DQ J . 8.82 -21.58 2.98
CAY 2DQ J . 7.72 -21.96 3.70
CAU 2DQ J . 7.04 -21.18 4.61
OAD 2DQ J . 5.82 -21.14 4.64
NAQ 2DQ J . 7.70 -20.34 5.38
SBC 2DQ J . 6.84 -19.39 6.42
OAE 2DQ J . 7.87 -19.07 7.49
OAF 2DQ J . 5.63 -19.94 7.15
CAX 2DQ J . 6.20 -18.01 5.48
CAJ 2DQ J . 7.08 -17.28 4.71
CAH 2DQ J . 6.62 -16.19 3.98
CAV 2DQ J . 5.31 -15.79 4.00
OAR 2DQ J . 4.98 -14.71 3.22
CAA 2DQ J . 3.93 -13.94 3.80
CAI 2DQ J . 4.38 -16.53 4.75
CAK 2DQ J . 4.84 -17.63 5.49
O 2DQ K . 29.19 -3.73 3.37
C 2DQ K . 29.08 -3.35 4.55
OXT 2DQ K . 29.05 -4.14 5.55
CA 2DQ K . 28.98 -1.78 4.77
N 2DQ K . 29.26 -1.44 6.23
CBA 2DQ K . 28.43 -0.97 7.18
CAM 2DQ K . 27.14 -0.64 7.12
CAL 2DQ K . 26.45 -0.17 8.23
CAW 2DQ K . 27.16 -0.05 9.42
OAS 2DQ K . 26.48 0.40 10.52
CAB 2DQ K . 27.32 0.63 11.67
CAN 2DQ K . 28.52 -0.42 9.44
CAZ 2DQ K . 29.12 -0.87 8.32
CAO 2DQ K . 30.39 -1.27 8.09
CAY 2DQ K . 30.45 -1.63 6.81
CAU 2DQ K . 31.51 -2.05 6.08
OAD 2DQ K . 31.59 -1.70 4.90
NAQ 2DQ K . 32.45 -2.81 6.65
SBC 2DQ K . 33.76 -3.25 5.55
OAE 2DQ K . 33.29 -3.93 4.27
OAF 2DQ K . 34.72 -4.20 6.29
CAX 2DQ K . 34.57 -1.73 5.06
CAJ 2DQ K . 34.11 -1.02 3.94
CAH 2DQ K . 34.72 0.17 3.53
CAV 2DQ K . 35.82 0.66 4.27
OAR 2DQ K . 36.49 1.80 3.93
CAA 2DQ K . 35.86 2.61 2.93
CAI 2DQ K . 36.25 -0.06 5.37
CAK 2DQ K . 35.65 -1.24 5.78
C1 EDO L . -0.81 -1.71 10.07
O1 EDO L . 0.16 -0.99 10.85
C2 EDO L . -2.17 -1.06 10.28
O2 EDO L . -3.14 -2.02 9.95
C1 EOH M . -9.61 -36.78 5.47
C2 EOH M . -10.96 -37.49 5.43
O EOH M . -8.64 -37.72 5.90
#